data_1FVR
#
_entry.id   1FVR
#
_cell.length_a   66.494
_cell.length_b   92.887
_cell.length_c   70.798
_cell.angle_alpha   90
_cell.angle_beta   108.926
_cell.angle_gamma   90
#
_symmetry.space_group_name_H-M   'P 1 21 1'
#
loop_
_entity.id
_entity.type
_entity.pdbx_description
1 polymer 'TYROSINE-PROTEIN KINASE TIE-2'
2 water water
#
_entity_poly.entity_id   1
_entity_poly.type   'polypeptide(L)'
_entity_poly.pdbx_seq_one_letter_code
;MKKHHHHHHGKNNPDPTIYPVLDWNDIKFQDVIGEGNFGQVLKARIKKDGLRMDAAIKRMKEYASKDDHRDFAGELEVLC
KLGHHPNIINLLGACEHRGYLYLAIEYAPHGNLLDFLRKSRVLETDPAFAIANSTASTLSSQQLLHFAADVARGMDYLSQ
KQFIHRDLAARNILVGENYVAKIADFGLSRGQEVYVKKTMGRLPVRWMAIESLNYSVYTTNSDVWSYGVLLWEIVSLGGT
PYCGMTCAELYEKLPQGYRLEKPLNCDDEVYDLMRQCWREKPYERPSFAQILVSLNRMLEERKTYVNTTLYEKFTYAGID
CSAEEAA
;
_entity_poly.pdbx_strand_id   A,B
#
# COMPACT_ATOMS: atom_id res chain seq x y z
N PRO A 16 18.56 -13.90 10.77
CA PRO A 16 18.30 -13.49 9.35
C PRO A 16 18.77 -12.06 9.10
N THR A 17 19.97 -11.92 8.55
CA THR A 17 20.54 -10.60 8.28
C THR A 17 21.05 -10.46 6.84
N ILE A 18 20.62 -9.39 6.18
CA ILE A 18 21.05 -9.13 4.81
C ILE A 18 22.12 -8.04 4.82
N TYR A 19 23.29 -8.36 4.29
CA TYR A 19 24.38 -7.41 4.26
C TYR A 19 24.58 -6.87 2.85
N PRO A 20 25.27 -5.73 2.72
CA PRO A 20 25.86 -4.99 3.84
C PRO A 20 24.81 -4.23 4.66
N VAL A 21 25.22 -3.80 5.85
CA VAL A 21 24.34 -3.04 6.72
C VAL A 21 24.43 -1.60 6.25
N LEU A 22 23.30 -1.01 5.89
CA LEU A 22 23.29 0.36 5.42
C LEU A 22 22.89 1.31 6.54
N ASP A 23 23.47 2.52 6.53
CA ASP A 23 23.16 3.51 7.55
C ASP A 23 22.04 4.43 7.05
N TRP A 24 20.99 4.55 7.86
CA TRP A 24 19.83 5.36 7.54
C TRP A 24 20.15 6.74 6.98
N ASN A 25 21.16 7.40 7.54
CA ASN A 25 21.49 8.74 7.07
C ASN A 25 22.19 8.78 5.72
N ASP A 26 22.55 7.61 5.19
CA ASP A 26 23.20 7.54 3.89
C ASP A 26 22.13 7.34 2.81
N ILE A 27 20.90 7.11 3.24
CA ILE A 27 19.80 6.87 2.30
C ILE A 27 19.02 8.13 1.96
N LYS A 28 18.86 8.39 0.68
CA LYS A 28 18.10 9.55 0.23
C LYS A 28 16.96 9.07 -0.65
N PHE A 29 15.72 9.31 -0.21
CA PHE A 29 14.55 8.88 -0.97
C PHE A 29 14.21 9.92 -2.02
N GLN A 30 13.84 9.47 -3.22
CA GLN A 30 13.52 10.39 -4.29
C GLN A 30 12.13 10.23 -4.91
N ASP A 31 11.57 9.02 -4.85
CA ASP A 31 10.26 8.81 -5.45
C ASP A 31 9.70 7.45 -5.06
N VAL A 32 8.46 7.20 -5.47
CA VAL A 32 7.81 5.93 -5.20
C VAL A 32 7.54 5.34 -6.58
N ILE A 33 7.90 4.07 -6.76
CA ILE A 33 7.70 3.40 -8.04
C ILE A 33 7.36 1.92 -7.83
N GLY A 34 7.05 1.24 -8.92
CA GLY A 34 6.74 -0.18 -8.83
C GLY A 34 7.93 -0.96 -9.36
N GLU A 35 8.10 -2.20 -8.89
CA GLU A 35 9.21 -3.03 -9.36
C GLU A 35 8.84 -4.50 -9.32
N GLY A 36 8.06 -4.94 -10.29
CA GLY A 36 7.66 -6.33 -10.36
C GLY A 36 6.93 -6.78 -9.10
N ASN A 37 7.21 -8.00 -8.67
CA ASN A 37 6.56 -8.52 -7.47
C ASN A 37 7.02 -7.90 -6.16
N PHE A 38 7.90 -6.90 -6.23
CA PHE A 38 8.33 -6.21 -5.02
C PHE A 38 7.21 -5.22 -4.66
N GLY A 39 6.30 -5.01 -5.62
CA GLY A 39 5.23 -4.06 -5.41
C GLY A 39 5.79 -2.65 -5.45
N GLN A 40 5.22 -1.75 -4.65
CA GLN A 40 5.68 -0.38 -4.62
C GLN A 40 6.98 -0.29 -3.83
N VAL A 41 7.96 0.43 -4.39
CA VAL A 41 9.25 0.60 -3.73
C VAL A 41 9.69 2.05 -3.82
N LEU A 42 10.64 2.42 -2.97
CA LEU A 42 11.14 3.79 -2.96
C LEU A 42 12.39 3.94 -3.82
N LYS A 43 12.31 4.77 -4.87
CA LYS A 43 13.47 5.02 -5.70
C LYS A 43 14.38 5.83 -4.79
N ALA A 44 15.63 5.42 -4.64
CA ALA A 44 16.53 6.14 -3.76
C ALA A 44 17.98 6.14 -4.21
N ARG A 45 18.82 6.75 -3.37
CA ARG A 45 20.25 6.82 -3.60
C ARG A 45 20.85 6.37 -2.28
N ILE A 46 21.77 5.42 -2.33
CA ILE A 46 22.39 4.91 -1.13
C ILE A 46 23.90 4.97 -1.28
N LYS A 47 24.60 4.68 -0.19
CA LYS A 47 26.04 4.67 -0.21
C LYS A 47 26.50 3.23 -0.14
N LYS A 48 27.34 2.83 -1.07
CA LYS A 48 27.86 1.47 -1.08
C LYS A 48 29.29 1.47 -1.61
N ASP A 49 30.18 0.83 -0.86
CA ASP A 49 31.58 0.75 -1.22
C ASP A 49 32.14 2.16 -1.41
N GLY A 50 31.73 3.07 -0.54
CA GLY A 50 32.19 4.45 -0.58
C GLY A 50 31.59 5.33 -1.66
N LEU A 51 30.73 4.77 -2.52
CA LEU A 51 30.14 5.55 -3.60
C LEU A 51 28.62 5.69 -3.50
N ARG A 52 28.12 6.82 -3.96
CA ARG A 52 26.69 7.09 -3.97
C ARG A 52 26.16 6.45 -5.26
N MET A 53 25.09 5.66 -5.14
CA MET A 53 24.53 4.99 -6.31
C MET A 53 23.01 4.91 -6.25
N ASP A 54 22.39 4.66 -7.40
CA ASP A 54 20.94 4.53 -7.47
C ASP A 54 20.52 3.17 -6.91
N ALA A 55 19.33 3.12 -6.35
CA ALA A 55 18.79 1.87 -5.83
C ALA A 55 17.31 2.08 -5.58
N ALA A 56 16.64 1.01 -5.18
CA ALA A 56 15.23 1.09 -4.87
C ALA A 56 15.13 0.47 -3.49
N ILE A 57 14.18 0.92 -2.69
CA ILE A 57 14.05 0.37 -1.35
C ILE A 57 12.66 -0.17 -1.07
N LYS A 58 12.64 -1.43 -0.65
CA LYS A 58 11.42 -2.12 -0.30
C LYS A 58 11.30 -2.05 1.21
N ARG A 59 10.25 -1.42 1.69
CA ARG A 59 10.00 -1.28 3.12
C ARG A 59 9.19 -2.49 3.61
N MET A 60 9.74 -3.20 4.59
CA MET A 60 9.09 -4.39 5.14
C MET A 60 8.79 -4.24 6.62
N LYS A 61 7.50 -4.33 6.96
CA LYS A 61 7.09 -4.23 8.35
C LYS A 61 7.51 -5.52 9.03
N GLU A 62 8.23 -5.39 10.14
CA GLU A 62 8.69 -6.58 10.86
C GLU A 62 7.64 -7.17 11.78
N TYR A 63 6.61 -6.39 12.10
CA TYR A 63 5.54 -6.86 12.98
C TYR A 63 4.42 -7.52 12.16
N ARG A 70 7.52 -16.03 11.73
CA ARG A 70 6.48 -15.07 11.28
C ARG A 70 6.43 -14.99 9.76
N ASP A 71 5.45 -14.25 9.24
CA ASP A 71 5.29 -14.06 7.80
C ASP A 71 6.49 -13.30 7.25
N PHE A 72 7.05 -12.42 8.09
CA PHE A 72 8.21 -11.60 7.74
C PHE A 72 9.48 -12.43 7.71
N ALA A 73 9.70 -13.21 8.76
CA ALA A 73 10.87 -14.05 8.88
C ALA A 73 10.92 -15.07 7.75
N GLY A 74 9.74 -15.44 7.26
CA GLY A 74 9.65 -16.40 6.18
C GLY A 74 10.16 -15.87 4.85
N GLU A 75 9.70 -14.69 4.45
CA GLU A 75 10.14 -14.13 3.19
C GLU A 75 11.55 -13.56 3.26
N LEU A 76 12.09 -13.44 4.48
CA LEU A 76 13.44 -12.93 4.65
C LEU A 76 14.43 -14.08 4.51
N GLU A 77 14.02 -15.27 4.91
CA GLU A 77 14.87 -16.44 4.81
C GLU A 77 15.03 -16.80 3.34
N VAL A 78 13.96 -16.60 2.58
CA VAL A 78 14.00 -16.90 1.16
C VAL A 78 14.90 -15.88 0.47
N LEU A 79 14.72 -14.60 0.79
CA LEU A 79 15.54 -13.56 0.18
C LEU A 79 17.04 -13.75 0.41
N CYS A 80 17.41 -14.36 1.53
CA CYS A 80 18.82 -14.59 1.85
C CYS A 80 19.42 -15.77 1.09
N LYS A 81 18.57 -16.57 0.46
CA LYS A 81 19.02 -17.73 -0.30
C LYS A 81 19.22 -17.34 -1.77
N LEU A 82 18.86 -16.11 -2.11
CA LEU A 82 18.97 -15.66 -3.50
C LEU A 82 20.38 -15.65 -4.06
N GLY A 83 21.34 -15.19 -3.27
CA GLY A 83 22.70 -15.12 -3.76
C GLY A 83 22.77 -13.99 -4.77
N HIS A 84 23.67 -14.10 -5.75
CA HIS A 84 23.81 -13.07 -6.76
C HIS A 84 23.88 -13.64 -8.17
N HIS A 85 23.28 -12.93 -9.10
CA HIS A 85 23.27 -13.31 -10.51
C HIS A 85 22.88 -12.10 -11.32
N PRO A 86 23.54 -11.89 -12.47
CA PRO A 86 23.23 -10.74 -13.32
C PRO A 86 21.78 -10.66 -13.78
N ASN A 87 21.12 -11.80 -13.94
CA ASN A 87 19.76 -11.77 -14.44
C ASN A 87 18.63 -11.84 -13.42
N ILE A 88 18.92 -11.45 -12.17
CA ILE A 88 17.89 -11.40 -11.15
C ILE A 88 18.05 -10.03 -10.50
N ILE A 89 17.08 -9.63 -9.69
CA ILE A 89 17.19 -8.36 -9.00
C ILE A 89 18.03 -8.68 -7.77
N ASN A 90 19.18 -8.05 -7.66
CA ASN A 90 20.08 -8.32 -6.54
C ASN A 90 19.85 -7.44 -5.33
N LEU A 91 20.13 -8.00 -4.15
CA LEU A 91 19.99 -7.28 -2.89
C LEU A 91 21.28 -6.50 -2.69
N LEU A 92 21.15 -5.22 -2.36
CA LEU A 92 22.31 -4.37 -2.19
C LEU A 92 22.67 -4.08 -0.73
N GLY A 93 21.75 -4.38 0.17
CA GLY A 93 21.98 -4.15 1.58
C GLY A 93 20.65 -3.92 2.27
N ALA A 94 20.69 -3.69 3.57
CA ALA A 94 19.46 -3.46 4.32
C ALA A 94 19.70 -2.60 5.55
N CYS A 95 18.67 -1.84 5.91
CA CYS A 95 18.74 -0.94 7.06
C CYS A 95 17.50 -1.07 7.93
N GLU A 96 17.72 -1.35 9.21
CA GLU A 96 16.64 -1.49 10.19
C GLU A 96 16.33 -0.09 10.73
N HIS A 97 15.06 0.30 10.70
CA HIS A 97 14.68 1.62 11.17
C HIS A 97 13.22 1.72 11.64
N ARG A 98 13.08 2.03 12.92
CA ARG A 98 11.78 2.19 13.57
C ARG A 98 10.78 1.05 13.39
N GLY A 99 11.25 -0.18 13.48
CA GLY A 99 10.37 -1.32 13.35
C GLY A 99 10.21 -1.89 11.95
N TYR A 100 10.76 -1.19 10.97
CA TYR A 100 10.68 -1.65 9.59
C TYR A 100 12.08 -1.93 9.02
N LEU A 101 12.15 -2.92 8.13
CA LEU A 101 13.41 -3.28 7.48
C LEU A 101 13.41 -2.62 6.10
N TYR A 102 14.39 -1.78 5.85
CA TYR A 102 14.50 -1.11 4.56
C TYR A 102 15.49 -1.89 3.69
N LEU A 103 14.95 -2.71 2.80
CA LEU A 103 15.76 -3.55 1.91
C LEU A 103 16.13 -2.84 0.61
N ALA A 104 17.42 -2.65 0.37
CA ALA A 104 17.89 -1.99 -0.84
C ALA A 104 18.09 -3.01 -1.94
N ILE A 105 17.54 -2.73 -3.12
CA ILE A 105 17.67 -3.64 -4.24
C ILE A 105 18.08 -2.87 -5.49
N GLU A 106 18.45 -3.60 -6.53
CA GLU A 106 18.86 -2.96 -7.77
C GLU A 106 17.73 -2.14 -8.38
N TYR A 107 18.12 -0.98 -8.89
CA TYR A 107 17.18 -0.09 -9.54
C TYR A 107 17.23 -0.38 -11.04
N ALA A 108 16.06 -0.49 -11.66
CA ALA A 108 15.95 -0.75 -13.10
C ALA A 108 15.56 0.56 -13.79
N PRO A 109 16.52 1.22 -14.45
CA PRO A 109 16.24 2.49 -15.14
C PRO A 109 15.19 2.44 -16.25
N HIS A 110 15.01 1.26 -16.85
CA HIS A 110 14.07 1.14 -17.95
C HIS A 110 12.71 0.51 -17.63
N GLY A 111 12.38 0.39 -16.34
CA GLY A 111 11.09 -0.18 -15.97
C GLY A 111 10.90 -1.66 -16.26
N ASN A 112 9.65 -2.13 -16.21
CA ASN A 112 9.38 -3.53 -16.45
C ASN A 112 9.34 -3.84 -17.95
N LEU A 113 9.63 -5.09 -18.28
CA LEU A 113 9.69 -5.55 -19.65
C LEU A 113 8.41 -5.41 -20.49
N LEU A 114 7.25 -5.60 -19.87
CA LEU A 114 5.99 -5.50 -20.62
C LEU A 114 5.84 -4.08 -21.16
N ASP A 115 6.02 -3.12 -20.26
CA ASP A 115 5.93 -1.72 -20.62
C ASP A 115 7.01 -1.38 -21.65
N PHE A 116 8.20 -1.93 -21.48
CA PHE A 116 9.29 -1.67 -22.40
C PHE A 116 8.96 -2.18 -23.81
N LEU A 117 8.40 -3.38 -23.88
CA LEU A 117 8.01 -3.99 -25.15
C LEU A 117 6.94 -3.17 -25.85
N ARG A 118 5.95 -2.73 -25.10
CA ARG A 118 4.85 -1.95 -25.67
C ARG A 118 5.29 -0.55 -26.11
N LYS A 119 6.26 0.03 -25.40
CA LYS A 119 6.75 1.34 -25.78
C LYS A 119 7.63 1.28 -27.01
N SER A 120 7.96 0.07 -27.46
CA SER A 120 8.81 -0.08 -28.64
C SER A 120 7.99 -0.17 -29.93
N ARG A 121 6.67 -0.27 -29.81
CA ARG A 121 5.80 -0.33 -30.99
C ARG A 121 5.77 1.04 -31.66
N VAL A 122 6.90 1.40 -32.26
CA VAL A 122 7.11 2.68 -32.90
C VAL A 122 6.10 3.03 -34.02
N LEU A 123 5.48 2.01 -34.59
CA LEU A 123 4.51 2.24 -35.65
C LEU A 123 3.29 2.93 -35.06
N GLU A 124 3.20 2.96 -33.74
CA GLU A 124 2.10 3.59 -33.05
C GLU A 124 2.56 4.82 -32.29
N THR A 125 3.76 4.76 -31.74
CA THR A 125 4.29 5.88 -30.98
C THR A 125 4.90 6.94 -31.87
N ASP A 126 5.45 6.55 -33.01
CA ASP A 126 6.07 7.49 -33.94
C ASP A 126 6.14 6.91 -35.35
N PRO A 127 4.97 6.78 -36.02
CA PRO A 127 4.87 6.24 -37.38
C PRO A 127 5.82 6.80 -38.44
N ALA A 128 6.22 8.06 -38.31
CA ALA A 128 7.15 8.65 -39.27
C ALA A 128 8.49 7.91 -39.21
N PHE A 129 9.02 7.77 -38.00
CA PHE A 129 10.28 7.07 -37.76
C PHE A 129 10.15 5.64 -38.26
N ALA A 130 9.01 5.03 -37.91
CA ALA A 130 8.72 3.66 -38.29
C ALA A 130 8.73 3.47 -39.80
N ILE A 131 8.00 4.32 -40.52
CA ILE A 131 7.96 4.22 -41.98
C ILE A 131 9.33 4.52 -42.55
N ALA A 132 9.96 5.57 -42.03
CA ALA A 132 11.29 5.98 -42.50
C ALA A 132 12.31 4.87 -42.29
N ASN A 133 12.16 4.09 -41.25
CA ASN A 133 13.11 3.01 -40.96
C ASN A 133 12.56 1.63 -41.28
N SER A 134 11.41 1.58 -41.96
CA SER A 134 10.78 0.32 -42.32
C SER A 134 10.76 -0.65 -41.13
N THR A 135 10.43 -0.15 -39.95
CA THR A 135 10.41 -1.01 -38.77
C THR A 135 9.15 -0.92 -37.90
N ALA A 136 8.84 -2.02 -37.24
CA ALA A 136 7.67 -2.08 -36.35
C ALA A 136 8.09 -1.96 -34.89
N SER A 137 9.40 -1.88 -34.65
CA SER A 137 9.89 -1.78 -33.28
C SER A 137 11.28 -1.16 -33.19
N THR A 138 11.54 -0.51 -32.06
CA THR A 138 12.86 0.08 -31.83
C THR A 138 13.77 -1.04 -31.36
N LEU A 139 13.20 -2.22 -31.16
CA LEU A 139 13.95 -3.38 -30.70
C LEU A 139 14.15 -4.33 -31.87
N SER A 140 15.37 -4.85 -32.01
CA SER A 140 15.69 -5.78 -33.08
C SER A 140 15.43 -7.21 -32.62
N SER A 141 15.41 -8.13 -33.57
CA SER A 141 15.19 -9.54 -33.29
C SER A 141 16.25 -10.05 -32.32
N GLN A 142 17.49 -9.61 -32.49
CA GLN A 142 18.59 -10.02 -31.62
C GLN A 142 18.36 -9.55 -30.18
N GLN A 143 17.88 -8.32 -30.03
CA GLN A 143 17.62 -7.76 -28.71
C GLN A 143 16.48 -8.47 -28.01
N LEU A 144 15.45 -8.84 -28.77
CA LEU A 144 14.31 -9.53 -28.22
C LEU A 144 14.73 -10.92 -27.73
N LEU A 145 15.51 -11.62 -28.55
CA LEU A 145 15.96 -12.94 -28.14
C LEU A 145 16.91 -12.85 -26.94
N HIS A 146 17.70 -11.79 -26.86
CA HIS A 146 18.60 -11.60 -25.72
C HIS A 146 17.80 -11.41 -24.43
N PHE A 147 16.61 -10.83 -24.55
CA PHE A 147 15.75 -10.63 -23.37
C PHE A 147 15.30 -12.03 -22.93
N ALA A 148 14.89 -12.85 -23.90
CA ALA A 148 14.44 -14.21 -23.61
C ALA A 148 15.57 -15.03 -22.98
N ALA A 149 16.78 -14.88 -23.54
CA ALA A 149 17.95 -15.58 -23.03
C ALA A 149 18.25 -15.14 -21.61
N ASP A 150 18.17 -13.83 -21.35
CA ASP A 150 18.42 -13.29 -20.01
C ASP A 150 17.52 -13.93 -18.96
N VAL A 151 16.23 -14.03 -19.25
CA VAL A 151 15.30 -14.61 -18.29
C VAL A 151 15.58 -16.10 -18.10
N ALA A 152 15.85 -16.81 -19.20
CA ALA A 152 16.13 -18.23 -19.13
C ALA A 152 17.41 -18.49 -18.31
N ARG A 153 18.40 -17.62 -18.46
CA ARG A 153 19.66 -17.75 -17.75
C ARG A 153 19.39 -17.50 -16.27
N GLY A 154 18.59 -16.49 -15.99
CA GLY A 154 18.26 -16.17 -14.62
C GLY A 154 17.41 -17.25 -13.96
N MET A 155 16.49 -17.85 -14.71
CA MET A 155 15.63 -18.90 -14.14
C MET A 155 16.38 -20.21 -13.95
N ASP A 156 17.42 -20.44 -14.74
CA ASP A 156 18.22 -21.64 -14.60
C ASP A 156 18.93 -21.48 -13.25
N TYR A 157 19.50 -20.31 -13.03
CA TYR A 157 20.18 -20.04 -11.77
C TYR A 157 19.24 -20.25 -10.57
N LEU A 158 18.04 -19.67 -10.63
CA LEU A 158 17.08 -19.79 -9.54
C LEU A 158 16.51 -21.19 -9.31
N SER A 159 16.06 -21.86 -10.37
CA SER A 159 15.50 -23.20 -10.19
C SER A 159 16.57 -24.17 -9.68
N GLN A 160 17.81 -23.99 -10.13
CA GLN A 160 18.90 -24.85 -9.68
C GLN A 160 19.03 -24.71 -8.15
N LYS A 161 18.57 -23.59 -7.62
CA LYS A 161 18.64 -23.38 -6.19
C LYS A 161 17.30 -23.62 -5.51
N GLN A 162 16.45 -24.41 -6.16
CA GLN A 162 15.14 -24.77 -5.61
C GLN A 162 14.07 -23.69 -5.61
N PHE A 163 14.32 -22.54 -6.23
CA PHE A 163 13.30 -21.50 -6.25
C PHE A 163 12.19 -21.82 -7.24
N ILE A 164 10.98 -21.45 -6.87
CA ILE A 164 9.79 -21.63 -7.71
C ILE A 164 9.20 -20.23 -7.75
N HIS A 165 9.18 -19.63 -8.93
CA HIS A 165 8.68 -18.26 -9.10
C HIS A 165 7.18 -18.10 -8.92
N ARG A 166 6.40 -18.94 -9.61
CA ARG A 166 4.94 -18.92 -9.53
C ARG A 166 4.20 -17.87 -10.37
N ASP A 167 4.86 -16.75 -10.67
CA ASP A 167 4.22 -15.69 -11.44
C ASP A 167 5.17 -15.12 -12.49
N LEU A 168 5.76 -16.00 -13.29
CA LEU A 168 6.70 -15.59 -14.32
C LEU A 168 5.93 -14.97 -15.49
N ALA A 169 6.26 -13.73 -15.81
CA ALA A 169 5.59 -12.99 -16.89
C ALA A 169 6.38 -11.71 -17.13
N ALA A 170 6.16 -11.09 -18.29
CA ALA A 170 6.87 -9.86 -18.65
C ALA A 170 6.77 -8.75 -17.60
N ARG A 171 5.61 -8.63 -16.97
CA ARG A 171 5.40 -7.60 -15.96
C ARG A 171 6.33 -7.80 -14.77
N ASN A 172 6.82 -9.03 -14.59
CA ASN A 172 7.71 -9.34 -13.47
C ASN A 172 9.18 -9.44 -13.85
N ILE A 173 9.52 -8.86 -15.00
CA ILE A 173 10.89 -8.84 -15.48
C ILE A 173 11.22 -7.35 -15.61
N LEU A 174 12.37 -6.94 -15.08
CA LEU A 174 12.78 -5.55 -15.17
C LEU A 174 13.94 -5.38 -16.16
N VAL A 175 13.94 -4.27 -16.88
CA VAL A 175 15.00 -3.97 -17.83
C VAL A 175 15.98 -3.05 -17.09
N GLY A 176 17.09 -3.63 -16.65
CA GLY A 176 18.05 -2.86 -15.87
C GLY A 176 19.16 -2.15 -16.62
N GLU A 177 20.26 -1.89 -15.91
CA GLU A 177 21.42 -1.23 -16.48
C GLU A 177 21.92 -1.96 -17.72
N ASN A 178 22.29 -1.19 -18.73
CA ASN A 178 22.77 -1.75 -20.00
C ASN A 178 21.74 -2.66 -20.65
N TYR A 179 20.47 -2.44 -20.28
CA TYR A 179 19.36 -3.20 -20.82
C TYR A 179 19.38 -4.70 -20.54
N VAL A 180 19.94 -5.07 -19.39
CA VAL A 180 20.00 -6.47 -18.97
C VAL A 180 18.70 -6.81 -18.24
N ALA A 181 17.96 -7.80 -18.74
CA ALA A 181 16.70 -8.22 -18.12
C ALA A 181 16.94 -8.91 -16.78
N LYS A 182 16.24 -8.43 -15.74
CA LYS A 182 16.38 -8.99 -14.40
C LYS A 182 15.04 -9.47 -13.86
N ILE A 183 15.03 -10.69 -13.35
CA ILE A 183 13.81 -11.27 -12.79
C ILE A 183 13.46 -10.71 -11.41
N ALA A 184 12.22 -10.26 -11.24
CA ALA A 184 11.75 -9.75 -9.94
C ALA A 184 11.66 -11.00 -9.06
N ASP A 185 12.29 -10.94 -7.89
CA ASP A 185 12.38 -12.10 -7.02
C ASP A 185 11.93 -11.93 -5.56
N PHE A 186 10.89 -11.15 -5.33
CA PHE A 186 10.37 -10.95 -3.99
C PHE A 186 9.21 -11.92 -3.75
N GLY A 187 9.17 -12.52 -2.56
CA GLY A 187 8.10 -13.44 -2.24
C GLY A 187 8.07 -14.76 -3.00
N LEU A 188 9.22 -15.25 -3.44
CA LEU A 188 9.24 -16.50 -4.18
C LEU A 188 9.16 -17.70 -3.24
N SER A 189 8.91 -18.88 -3.80
CA SER A 189 8.84 -20.09 -3.00
C SER A 189 10.12 -20.88 -3.23
N ARG A 190 10.38 -21.82 -2.36
CA ARG A 190 11.58 -22.63 -2.45
C ARG A 190 11.25 -24.03 -1.98
N GLY A 191 11.55 -25.03 -2.80
CA GLY A 191 11.26 -26.40 -2.45
C GLY A 191 10.94 -27.21 -3.70
N GLN A 192 10.37 -28.39 -3.53
CA GLN A 192 10.04 -29.26 -4.66
C GLN A 192 8.74 -28.85 -5.32
N GLU A 193 7.77 -28.48 -4.51
CA GLU A 193 6.46 -28.08 -5.02
C GLU A 193 5.77 -27.23 -3.97
N VAL A 194 4.92 -26.32 -4.41
CA VAL A 194 4.21 -25.48 -3.49
C VAL A 194 2.75 -25.38 -3.92
N TYR A 195 1.86 -25.48 -2.95
CA TYR A 195 0.43 -25.37 -3.19
C TYR A 195 0.00 -24.01 -2.68
N VAL A 196 -0.71 -23.25 -3.52
CA VAL A 196 -1.19 -21.93 -3.12
C VAL A 196 -2.67 -21.84 -3.50
N LYS A 197 -3.53 -21.88 -2.48
CA LYS A 197 -4.98 -21.85 -2.62
C LYS A 197 -5.58 -20.91 -3.67
N LYS A 198 -5.54 -19.61 -3.40
CA LYS A 198 -6.09 -18.57 -4.30
C LYS A 198 -6.79 -17.47 -3.50
N LEU A 203 -5.48 -13.47 -9.88
CA LEU A 203 -4.79 -14.73 -10.32
C LEU A 203 -4.35 -14.63 -11.79
N PRO A 204 -3.05 -14.84 -12.07
CA PRO A 204 -2.47 -14.78 -13.43
C PRO A 204 -2.81 -16.01 -14.26
N VAL A 205 -4.10 -16.27 -14.39
CA VAL A 205 -4.61 -17.41 -15.13
C VAL A 205 -3.97 -17.61 -16.51
N ARG A 206 -3.66 -16.58 -17.25
CA ARG A 206 -3.11 -16.65 -18.60
C ARG A 206 -1.66 -17.13 -18.70
N TRP A 207 -0.98 -17.25 -17.55
CA TRP A 207 0.40 -17.71 -17.51
C TRP A 207 0.52 -19.07 -16.77
N MET A 208 -0.56 -19.47 -16.12
CA MET A 208 -0.60 -20.70 -15.34
C MET A 208 -0.66 -22.02 -16.11
N ALA A 209 0.18 -22.96 -15.71
CA ALA A 209 0.22 -24.27 -16.33
C ALA A 209 -1.06 -25.05 -15.99
N ILE A 210 -1.42 -26.02 -16.84
CA ILE A 210 -2.62 -26.82 -16.62
C ILE A 210 -2.72 -27.40 -15.20
N GLU A 211 -1.61 -27.93 -14.69
CA GLU A 211 -1.63 -28.50 -13.34
C GLU A 211 -1.93 -27.44 -12.28
N SER A 212 -1.50 -26.19 -12.54
CA SER A 212 -1.75 -25.09 -11.59
C SER A 212 -3.22 -24.68 -11.65
N LEU A 213 -3.78 -24.63 -12.85
CA LEU A 213 -5.18 -24.28 -13.02
C LEU A 213 -6.04 -25.34 -12.32
N ASN A 214 -5.68 -26.60 -12.49
CA ASN A 214 -6.42 -27.70 -11.86
C ASN A 214 -6.25 -27.88 -10.35
N TYR A 215 -5.00 -27.91 -9.88
CA TYR A 215 -4.76 -28.16 -8.46
C TYR A 215 -4.04 -27.10 -7.64
N SER A 216 -3.81 -25.93 -8.23
CA SER A 216 -3.13 -24.86 -7.52
C SER A 216 -1.74 -25.23 -7.02
N VAL A 217 -1.02 -26.06 -7.79
CA VAL A 217 0.34 -26.44 -7.41
C VAL A 217 1.34 -25.79 -8.36
N TYR A 218 2.52 -25.48 -7.84
CA TYR A 218 3.57 -24.85 -8.64
C TYR A 218 4.92 -25.55 -8.47
N THR A 219 5.63 -25.71 -9.59
CA THR A 219 6.94 -26.36 -9.62
C THR A 219 7.80 -25.62 -10.64
N THR A 220 9.06 -26.00 -10.78
CA THR A 220 9.89 -25.34 -11.79
C THR A 220 9.35 -25.76 -13.16
N ASN A 221 8.69 -26.90 -13.23
CA ASN A 221 8.11 -27.36 -14.49
C ASN A 221 6.98 -26.41 -14.90
N SER A 222 6.21 -25.93 -13.92
CA SER A 222 5.14 -25.00 -14.24
C SER A 222 5.73 -23.61 -14.53
N ASP A 223 6.89 -23.31 -13.96
CA ASP A 223 7.51 -22.03 -14.22
C ASP A 223 7.91 -22.03 -15.70
N VAL A 224 8.32 -23.20 -16.19
CA VAL A 224 8.72 -23.34 -17.59
C VAL A 224 7.51 -23.08 -18.52
N TRP A 225 6.32 -23.46 -18.08
CA TRP A 225 5.13 -23.22 -18.88
C TRP A 225 4.92 -21.71 -18.94
N SER A 226 5.03 -21.05 -17.79
CA SER A 226 4.87 -19.60 -17.73
C SER A 226 5.92 -18.92 -18.62
N TYR A 227 7.16 -19.42 -18.57
CA TYR A 227 8.22 -18.86 -19.40
C TYR A 227 7.81 -18.90 -20.88
N GLY A 228 7.11 -19.96 -21.28
CA GLY A 228 6.66 -20.07 -22.66
C GLY A 228 5.75 -18.91 -23.03
N VAL A 229 4.84 -18.55 -22.13
CA VAL A 229 3.92 -17.45 -22.37
C VAL A 229 4.71 -16.13 -22.40
N LEU A 230 5.70 -16.02 -21.52
CA LEU A 230 6.54 -14.82 -21.46
C LEU A 230 7.29 -14.66 -22.78
N LEU A 231 7.78 -15.76 -23.33
CA LEU A 231 8.50 -15.71 -24.61
C LEU A 231 7.51 -15.23 -25.67
N TRP A 232 6.26 -15.65 -25.52
CA TRP A 232 5.20 -15.27 -26.44
C TRP A 232 4.98 -13.76 -26.32
N GLU A 233 5.09 -13.24 -25.09
CA GLU A 233 4.91 -11.79 -24.87
C GLU A 233 6.01 -11.00 -25.57
N ILE A 234 7.24 -11.47 -25.43
CA ILE A 234 8.39 -10.80 -26.04
C ILE A 234 8.23 -10.78 -27.56
N VAL A 235 7.89 -11.93 -28.12
CA VAL A 235 7.73 -12.07 -29.56
C VAL A 235 6.61 -11.21 -30.12
N SER A 236 5.50 -11.11 -29.38
CA SER A 236 4.37 -10.32 -29.83
C SER A 236 4.49 -8.86 -29.43
N LEU A 237 5.64 -8.49 -28.88
CA LEU A 237 5.87 -7.11 -28.46
C LEU A 237 4.91 -6.63 -27.38
N GLY A 238 4.63 -7.47 -26.40
CA GLY A 238 3.76 -7.07 -25.30
C GLY A 238 2.28 -7.34 -25.47
N GLY A 239 1.92 -8.24 -26.38
CA GLY A 239 0.52 -8.54 -26.56
C GLY A 239 -0.05 -9.33 -25.39
N THR A 240 -1.35 -9.21 -25.19
CA THR A 240 -2.04 -9.92 -24.12
C THR A 240 -2.26 -11.38 -24.53
N PRO A 241 -1.77 -12.33 -23.74
CA PRO A 241 -1.94 -13.76 -24.05
C PRO A 241 -3.44 -14.12 -24.12
N TYR A 242 -3.84 -14.82 -25.17
CA TYR A 242 -5.24 -15.23 -25.34
C TYR A 242 -6.17 -14.01 -25.37
N CYS A 243 -5.70 -12.90 -25.95
CA CYS A 243 -6.49 -11.68 -26.05
C CYS A 243 -7.85 -12.04 -26.66
N GLY A 244 -8.92 -11.79 -25.91
CA GLY A 244 -10.24 -12.11 -26.41
C GLY A 244 -10.92 -13.20 -25.60
N MET A 245 -10.19 -14.27 -25.31
CA MET A 245 -10.74 -15.37 -24.53
C MET A 245 -10.84 -14.96 -23.06
N THR A 246 -11.85 -15.49 -22.37
CA THR A 246 -12.03 -15.17 -20.96
C THR A 246 -11.32 -16.22 -20.12
N CYS A 247 -11.08 -15.91 -18.85
CA CYS A 247 -10.42 -16.84 -17.97
C CYS A 247 -11.18 -18.16 -17.91
N ALA A 248 -12.51 -18.08 -17.91
CA ALA A 248 -13.34 -19.28 -17.85
C ALA A 248 -13.10 -20.16 -19.06
N GLU A 249 -12.94 -19.54 -20.23
CA GLU A 249 -12.69 -20.28 -21.45
C GLU A 249 -11.36 -21.03 -21.38
N LEU A 250 -10.36 -20.40 -20.77
CA LEU A 250 -9.05 -21.03 -20.65
C LEU A 250 -9.09 -22.30 -19.80
N TYR A 251 -9.78 -22.25 -18.66
CA TYR A 251 -9.87 -23.42 -17.80
C TYR A 251 -10.47 -24.61 -18.57
N GLU A 252 -11.35 -24.30 -19.52
CA GLU A 252 -12.01 -25.33 -20.31
C GLU A 252 -11.19 -25.81 -21.51
N LYS A 253 -10.72 -24.89 -22.33
CA LYS A 253 -9.98 -25.24 -23.53
C LYS A 253 -8.54 -25.73 -23.38
N LEU A 254 -7.77 -25.14 -22.46
CA LEU A 254 -6.38 -25.55 -22.29
C LEU A 254 -6.23 -27.04 -22.01
N PRO A 255 -7.04 -27.60 -21.11
CA PRO A 255 -6.92 -29.03 -20.81
C PRO A 255 -7.29 -29.91 -22.01
N GLN A 256 -7.99 -29.33 -22.98
CA GLN A 256 -8.40 -30.06 -24.17
C GLN A 256 -7.31 -30.09 -25.24
N GLY A 257 -6.26 -29.31 -25.03
CA GLY A 257 -5.16 -29.27 -25.98
C GLY A 257 -4.94 -27.92 -26.63
N TYR A 258 -5.83 -26.96 -26.37
CA TYR A 258 -5.70 -25.63 -26.94
C TYR A 258 -4.44 -24.92 -26.46
N ARG A 259 -3.76 -24.24 -27.37
CA ARG A 259 -2.54 -23.50 -27.04
C ARG A 259 -2.48 -22.18 -27.80
N LEU A 260 -1.73 -21.22 -27.26
CA LEU A 260 -1.55 -19.93 -27.90
C LEU A 260 -1.08 -20.16 -29.34
N GLU A 261 -1.55 -19.32 -30.25
CA GLU A 261 -1.17 -19.45 -31.64
C GLU A 261 0.13 -18.71 -31.94
N LYS A 262 0.81 -19.14 -33.00
CA LYS A 262 2.06 -18.54 -33.39
C LYS A 262 1.92 -17.10 -33.86
N PRO A 263 2.66 -16.18 -33.23
CA PRO A 263 2.57 -14.76 -33.64
C PRO A 263 2.92 -14.69 -35.13
N LEU A 264 2.38 -13.72 -35.84
CA LEU A 264 2.63 -13.60 -37.26
C LEU A 264 4.07 -13.23 -37.66
N ASN A 265 4.85 -12.72 -36.72
CA ASN A 265 6.22 -12.33 -37.02
C ASN A 265 7.23 -13.31 -36.44
N CYS A 266 6.73 -14.45 -35.98
CA CYS A 266 7.56 -15.46 -35.32
C CYS A 266 8.01 -16.61 -36.21
N ASP A 267 9.31 -16.94 -36.15
CA ASP A 267 9.85 -18.06 -36.92
C ASP A 267 9.40 -19.37 -36.27
N ASP A 268 9.18 -20.39 -37.10
CA ASP A 268 8.75 -21.70 -36.63
C ASP A 268 9.58 -22.27 -35.46
N GLU A 269 10.89 -22.05 -35.47
CA GLU A 269 11.71 -22.60 -34.39
C GLU A 269 11.40 -21.97 -33.03
N VAL A 270 11.13 -20.66 -33.02
CA VAL A 270 10.82 -19.98 -31.77
C VAL A 270 9.48 -20.48 -31.23
N TYR A 271 8.52 -20.70 -32.13
CA TYR A 271 7.20 -21.18 -31.70
C TYR A 271 7.30 -22.60 -31.15
N ASP A 272 8.09 -23.45 -31.80
CA ASP A 272 8.23 -24.81 -31.32
C ASP A 272 8.84 -24.83 -29.92
N LEU A 273 9.72 -23.87 -29.64
CA LEU A 273 10.32 -23.75 -28.32
C LEU A 273 9.17 -23.49 -27.34
N MET A 274 8.28 -22.57 -27.74
CA MET A 274 7.11 -22.23 -26.94
C MET A 274 6.25 -23.47 -26.67
N ARG A 275 6.00 -24.23 -27.73
CA ARG A 275 5.18 -25.44 -27.62
C ARG A 275 5.77 -26.48 -26.68
N GLN A 276 7.10 -26.60 -26.67
CA GLN A 276 7.75 -27.54 -25.78
C GLN A 276 7.42 -27.14 -24.33
N CYS A 277 7.44 -25.83 -24.05
CA CYS A 277 7.15 -25.32 -22.71
C CYS A 277 5.71 -25.57 -22.26
N TRP A 278 4.79 -25.83 -23.20
CA TRP A 278 3.38 -26.06 -22.84
C TRP A 278 2.89 -27.50 -22.98
N ARG A 279 3.80 -28.47 -23.00
CA ARG A 279 3.40 -29.87 -23.10
C ARG A 279 2.59 -30.22 -21.85
N GLU A 280 1.55 -31.04 -22.02
CA GLU A 280 0.70 -31.41 -20.90
C GLU A 280 1.48 -32.09 -19.77
N LYS A 281 2.39 -33.00 -20.14
CA LYS A 281 3.19 -33.69 -19.13
C LYS A 281 4.30 -32.76 -18.65
N PRO A 282 4.23 -32.34 -17.38
CA PRO A 282 5.23 -31.43 -16.80
C PRO A 282 6.66 -31.90 -17.03
N TYR A 283 6.90 -33.19 -16.79
CA TYR A 283 8.23 -33.78 -16.96
C TYR A 283 8.74 -33.84 -18.40
N GLU A 284 7.91 -33.50 -19.38
CA GLU A 284 8.36 -33.52 -20.76
C GLU A 284 8.81 -32.14 -21.23
N ARG A 285 8.53 -31.11 -20.44
CA ARG A 285 8.94 -29.76 -20.79
C ARG A 285 10.44 -29.61 -20.66
N PRO A 286 11.06 -28.78 -21.51
CA PRO A 286 12.52 -28.62 -21.40
C PRO A 286 12.89 -27.93 -20.09
N SER A 287 14.16 -28.00 -19.72
CA SER A 287 14.64 -27.35 -18.50
C SER A 287 15.05 -25.97 -18.94
N PHE A 288 15.24 -25.06 -18.01
CA PHE A 288 15.66 -23.72 -18.37
C PHE A 288 17.03 -23.73 -19.01
N ALA A 289 17.86 -24.71 -18.65
CA ALA A 289 19.19 -24.81 -19.23
C ALA A 289 19.08 -25.18 -20.72
N GLN A 290 18.16 -26.08 -21.05
CA GLN A 290 17.97 -26.50 -22.44
C GLN A 290 17.39 -25.34 -23.24
N ILE A 291 16.49 -24.57 -22.62
CA ILE A 291 15.88 -23.42 -23.27
C ILE A 291 16.98 -22.42 -23.63
N LEU A 292 17.92 -22.19 -22.73
CA LEU A 292 19.00 -21.25 -22.97
C LEU A 292 19.90 -21.73 -24.11
N VAL A 293 20.12 -23.04 -24.20
CA VAL A 293 20.94 -23.59 -25.28
C VAL A 293 20.26 -23.32 -26.61
N SER A 294 18.96 -23.61 -26.66
CA SER A 294 18.18 -23.37 -27.88
C SER A 294 18.25 -21.90 -28.26
N LEU A 295 18.06 -21.00 -27.29
CA LEU A 295 18.09 -19.58 -27.58
C LEU A 295 19.45 -19.12 -28.10
N ASN A 296 20.52 -19.61 -27.49
CA ASN A 296 21.86 -19.22 -27.90
C ASN A 296 22.21 -19.67 -29.31
N ARG A 297 21.69 -20.82 -29.73
CA ARG A 297 21.98 -21.30 -31.08
C ARG A 297 21.37 -20.33 -32.10
N MET A 298 20.13 -19.90 -31.86
CA MET A 298 19.48 -18.97 -32.77
C MET A 298 20.20 -17.64 -32.78
N LEU A 299 20.65 -17.19 -31.61
CA LEU A 299 21.35 -15.91 -31.51
C LEU A 299 22.68 -15.87 -32.28
N GLU A 300 23.33 -17.03 -32.38
CA GLU A 300 24.61 -17.14 -33.08
C GLU A 300 24.52 -16.97 -34.59
N GLU A 301 23.38 -17.32 -35.16
CA GLU A 301 23.18 -17.22 -36.60
C GLU A 301 22.76 -15.83 -37.08
N ARG A 302 23.04 -15.53 -38.34
CA ARG A 302 22.69 -14.23 -38.93
C ARG A 302 21.20 -14.14 -39.23
N LYS A 303 20.54 -15.30 -39.29
CA LYS A 303 19.11 -15.37 -39.58
C LYS A 303 18.26 -14.61 -38.57
N THR A 304 17.17 -14.01 -39.05
CA THR A 304 16.22 -13.25 -38.22
C THR A 304 15.13 -14.21 -37.73
N TYR A 305 14.94 -14.29 -36.43
CA TYR A 305 13.93 -15.19 -35.87
C TYR A 305 12.65 -14.52 -35.43
N VAL A 306 12.75 -13.29 -34.97
CA VAL A 306 11.58 -12.54 -34.54
C VAL A 306 11.57 -11.30 -35.41
N ASN A 307 10.73 -11.31 -36.45
CA ASN A 307 10.68 -10.19 -37.37
C ASN A 307 10.08 -8.89 -36.84
N THR A 308 10.76 -7.79 -37.18
CA THR A 308 10.31 -6.46 -36.78
C THR A 308 10.35 -5.54 -38.00
N THR A 309 10.64 -6.12 -39.16
CA THR A 309 10.70 -5.35 -40.41
C THR A 309 9.32 -5.31 -41.05
N LEU A 310 8.90 -4.12 -41.45
CA LEU A 310 7.58 -3.94 -42.03
C LEU A 310 7.27 -4.73 -43.30
N TYR A 311 8.15 -4.65 -44.30
CA TYR A 311 7.94 -5.33 -45.58
C TYR A 311 6.61 -4.86 -46.17
N GLU A 312 5.69 -5.78 -46.45
CA GLU A 312 4.42 -5.38 -47.05
C GLU A 312 3.22 -5.47 -46.14
N LYS A 313 3.43 -5.98 -44.93
CA LYS A 313 2.35 -6.10 -43.96
C LYS A 313 2.86 -6.51 -42.59
N PHE A 314 2.35 -5.85 -41.55
CA PHE A 314 2.73 -6.17 -40.18
C PHE A 314 1.56 -5.91 -39.23
N THR A 315 1.31 -6.87 -38.35
CA THR A 315 0.22 -6.77 -37.41
C THR A 315 0.66 -6.79 -35.95
N TYR A 316 0.17 -5.82 -35.18
CA TYR A 316 0.48 -5.74 -33.76
C TYR A 316 -0.54 -6.59 -33.02
N ALA A 317 -0.04 -7.44 -32.12
CA ALA A 317 -0.90 -8.31 -31.32
C ALA A 317 -1.77 -7.44 -30.44
N GLY A 318 -3.02 -7.86 -30.26
CA GLY A 318 -3.94 -7.09 -29.44
C GLY A 318 -3.56 -6.96 -27.97
N ILE A 319 -4.04 -5.89 -27.36
CA ILE A 319 -3.81 -5.60 -25.96
C ILE A 319 -5.18 -5.34 -25.33
N ASP A 320 -5.72 -6.36 -24.65
CA ASP A 320 -7.02 -6.23 -24.02
C ASP A 320 -6.87 -5.73 -22.59
N CYS A 321 -6.90 -4.41 -22.42
CA CYS A 321 -6.77 -3.81 -21.10
C CYS A 321 -7.93 -4.19 -20.20
N SER A 322 -8.94 -4.83 -20.78
CA SER A 322 -10.11 -5.26 -20.03
C SER A 322 -9.80 -6.60 -19.35
N ALA A 323 -8.56 -7.06 -19.51
CA ALA A 323 -8.11 -8.30 -18.91
C ALA A 323 -6.87 -8.01 -18.07
N GLU A 324 -6.57 -6.72 -17.90
CA GLU A 324 -5.43 -6.28 -17.13
C GLU A 324 -5.84 -5.26 -16.06
N PRO B 16 -11.25 21.12 -9.55
CA PRO B 16 -10.58 19.84 -9.18
C PRO B 16 -9.09 20.06 -8.97
N THR B 17 -8.71 21.28 -8.59
CA THR B 17 -7.31 21.62 -8.35
C THR B 17 -7.10 22.12 -6.93
N ILE B 18 -6.07 21.61 -6.28
CA ILE B 18 -5.74 22.02 -4.92
C ILE B 18 -4.54 22.97 -4.94
N TYR B 19 -4.71 24.14 -4.36
CA TYR B 19 -3.64 25.13 -4.33
C TYR B 19 -3.06 25.29 -2.94
N PRO B 20 -1.83 25.81 -2.84
CA PRO B 20 -1.02 26.24 -3.99
C PRO B 20 -0.43 25.08 -4.79
N VAL B 21 -0.02 25.35 -6.02
CA VAL B 21 0.59 24.33 -6.86
C VAL B 21 2.04 24.22 -6.41
N LEU B 22 2.46 23.00 -6.05
CA LEU B 22 3.81 22.80 -5.58
C LEU B 22 4.72 22.31 -6.70
N ASP B 23 5.99 22.68 -6.63
CA ASP B 23 6.96 22.26 -7.63
C ASP B 23 7.68 21.00 -7.18
N TRP B 24 7.52 19.93 -7.95
CA TRP B 24 8.13 18.65 -7.63
C TRP B 24 9.56 18.77 -7.14
N ASN B 25 10.33 19.68 -7.73
CA ASN B 25 11.72 19.85 -7.33
C ASN B 25 11.88 20.40 -5.92
N ASP B 26 10.83 21.03 -5.39
CA ASP B 26 10.91 21.58 -4.04
C ASP B 26 10.48 20.58 -2.98
N ILE B 27 10.29 19.32 -3.38
CA ILE B 27 9.86 18.30 -2.43
C ILE B 27 10.97 17.32 -2.07
N LYS B 28 11.21 17.18 -0.77
CA LYS B 28 12.23 16.27 -0.28
C LYS B 28 11.56 15.21 0.60
N PHE B 29 11.60 13.96 0.16
CA PHE B 29 11.00 12.87 0.92
C PHE B 29 12.01 12.39 1.96
N GLN B 30 11.56 12.19 3.19
CA GLN B 30 12.46 11.76 4.26
C GLN B 30 12.13 10.43 4.92
N ASP B 31 10.86 10.03 4.90
CA ASP B 31 10.48 8.79 5.56
C ASP B 31 9.06 8.39 5.18
N VAL B 32 8.63 7.22 5.65
CA VAL B 32 7.29 6.73 5.37
C VAL B 32 6.60 6.50 6.72
N ILE B 33 5.44 7.10 6.90
CA ILE B 33 4.71 6.95 8.15
C ILE B 33 3.22 6.80 7.90
N GLY B 34 2.45 6.77 8.98
CA GLY B 34 1.00 6.66 8.87
C GLY B 34 0.39 7.94 9.39
N GLU B 35 -0.84 8.24 9.00
CA GLU B 35 -1.50 9.44 9.45
C GLU B 35 -3.02 9.30 9.40
N GLY B 36 -3.57 8.58 10.38
CA GLY B 36 -5.00 8.39 10.44
C GLY B 36 -5.58 7.78 9.18
N ASN B 37 -6.73 8.29 8.74
CA ASN B 37 -7.35 7.75 7.55
C ASN B 37 -6.65 8.09 6.24
N PHE B 38 -5.55 8.83 6.29
CA PHE B 38 -4.79 9.12 5.07
C PHE B 38 -3.96 7.88 4.77
N GLY B 39 -3.91 6.96 5.73
CA GLY B 39 -3.16 5.73 5.55
C GLY B 39 -1.66 6.04 5.53
N GLN B 40 -0.91 5.28 4.75
CA GLN B 40 0.52 5.50 4.67
C GLN B 40 0.84 6.73 3.84
N VAL B 41 1.69 7.59 4.38
CA VAL B 41 2.09 8.80 3.68
C VAL B 41 3.60 8.99 3.77
N LEU B 42 4.13 9.86 2.93
CA LEU B 42 5.55 10.14 2.93
C LEU B 42 5.84 11.36 3.78
N LYS B 43 6.75 11.22 4.74
CA LYS B 43 7.12 12.36 5.56
C LYS B 43 8.05 13.15 4.67
N ALA B 44 7.87 14.47 4.60
CA ALA B 44 8.72 15.27 3.73
C ALA B 44 8.84 16.73 4.11
N ARG B 45 9.55 17.46 3.26
CA ARG B 45 9.76 18.89 3.41
C ARG B 45 9.35 19.52 2.09
N ILE B 46 8.53 20.57 2.15
CA ILE B 46 8.08 21.25 0.94
C ILE B 46 8.42 22.74 1.03
N LYS B 47 8.07 23.48 -0.02
CA LYS B 47 8.32 24.91 -0.04
C LYS B 47 7.00 25.66 -0.19
N LYS B 48 6.54 26.25 0.92
CA LYS B 48 5.30 27.02 0.87
C LYS B 48 5.56 28.40 1.41
N ASP B 49 5.17 29.41 0.63
CA ASP B 49 5.36 30.81 1.02
C ASP B 49 6.82 31.17 1.20
N GLY B 50 7.67 30.63 0.34
CA GLY B 50 9.10 30.91 0.41
C GLY B 50 9.86 30.18 1.50
N LEU B 51 9.14 29.46 2.35
CA LEU B 51 9.80 28.74 3.44
C LEU B 51 9.74 27.22 3.31
N ARG B 52 10.83 26.59 3.72
CA ARG B 52 10.89 25.14 3.70
C ARG B 52 10.26 24.71 5.02
N MET B 53 9.29 23.82 4.94
CA MET B 53 8.59 23.35 6.14
C MET B 53 8.34 21.85 6.12
N ASP B 54 7.99 21.32 7.28
CA ASP B 54 7.68 19.90 7.41
C ASP B 54 6.26 19.66 6.89
N ALA B 55 6.05 18.48 6.35
CA ALA B 55 4.75 18.11 5.83
C ALA B 55 4.73 16.62 5.58
N ALA B 56 3.57 16.11 5.21
CA ALA B 56 3.40 14.70 4.89
C ALA B 56 2.84 14.71 3.48
N ILE B 57 3.12 13.67 2.70
CA ILE B 57 2.60 13.65 1.35
C ILE B 57 1.81 12.40 1.02
N LYS B 58 0.55 12.60 0.64
CA LYS B 58 -0.35 11.52 0.28
C LYS B 58 -0.35 11.37 -1.23
N ARG B 59 0.12 10.22 -1.68
CA ARG B 59 0.22 9.91 -3.10
C ARG B 59 -1.08 9.28 -3.59
N MET B 60 -1.73 9.95 -4.54
CA MET B 60 -3.00 9.47 -5.09
C MET B 60 -2.92 9.13 -6.58
N LYS B 61 -3.19 7.88 -6.92
CA LYS B 61 -3.16 7.44 -8.32
C LYS B 61 -4.34 8.09 -9.02
N GLU B 62 -4.09 8.74 -10.15
CA GLU B 62 -5.14 9.42 -10.89
C GLU B 62 -5.91 8.54 -11.89
N TYR B 63 -5.25 7.52 -12.44
CA TYR B 63 -5.91 6.64 -13.40
C TYR B 63 -6.15 5.25 -12.82
N ARG B 70 -14.93 9.27 -11.82
CA ARG B 70 -13.85 8.41 -11.24
C ARG B 70 -13.90 8.40 -9.71
N ASP B 71 -13.17 7.46 -9.12
CA ASP B 71 -13.10 7.32 -7.68
C ASP B 71 -12.16 8.41 -7.16
N PHE B 72 -11.15 8.73 -7.97
CA PHE B 72 -10.15 9.75 -7.67
C PHE B 72 -10.79 11.13 -7.63
N ALA B 73 -11.50 11.48 -8.70
CA ALA B 73 -12.15 12.78 -8.81
C ALA B 73 -13.11 13.03 -7.66
N GLY B 74 -13.79 11.98 -7.21
CA GLY B 74 -14.72 12.12 -6.11
C GLY B 74 -14.03 12.51 -4.81
N GLU B 75 -12.96 11.79 -4.49
CA GLU B 75 -12.19 12.06 -3.28
C GLU B 75 -11.61 13.47 -3.31
N LEU B 76 -11.21 13.90 -4.50
CA LEU B 76 -10.61 15.21 -4.68
C LEU B 76 -11.65 16.31 -4.49
N GLU B 77 -12.86 16.07 -4.99
CA GLU B 77 -13.93 17.06 -4.86
C GLU B 77 -14.24 17.30 -3.39
N VAL B 78 -14.25 16.24 -2.59
CA VAL B 78 -14.52 16.38 -1.16
C VAL B 78 -13.39 17.16 -0.49
N LEU B 79 -12.15 16.78 -0.80
CA LEU B 79 -10.98 17.44 -0.21
C LEU B 79 -10.95 18.95 -0.44
N CYS B 80 -11.29 19.39 -1.65
CA CYS B 80 -11.28 20.81 -1.97
C CYS B 80 -12.30 21.61 -1.16
N LYS B 81 -13.28 20.94 -0.58
CA LYS B 81 -14.28 21.63 0.20
C LYS B 81 -13.94 21.69 1.70
N LEU B 82 -12.80 21.12 2.06
CA LEU B 82 -12.37 21.12 3.45
C LEU B 82 -12.08 22.52 4.00
N GLY B 83 -11.47 23.38 3.20
CA GLY B 83 -11.16 24.70 3.68
C GLY B 83 -10.06 24.61 4.72
N HIS B 84 -10.02 25.55 5.65
CA HIS B 84 -9.00 25.54 6.70
C HIS B 84 -9.54 25.74 8.11
N HIS B 85 -8.94 25.03 9.04
CA HIS B 85 -9.31 25.10 10.45
C HIS B 85 -8.19 24.50 11.27
N PRO B 86 -7.90 25.10 12.43
CA PRO B 86 -6.83 24.62 13.32
C PRO B 86 -6.98 23.16 13.78
N ASN B 87 -8.22 22.69 13.92
CA ASN B 87 -8.41 21.34 14.41
C ASN B 87 -8.72 20.25 13.38
N ILE B 88 -8.27 20.44 12.14
CA ILE B 88 -8.42 19.42 11.11
C ILE B 88 -7.06 19.35 10.44
N ILE B 89 -6.81 18.31 9.66
CA ILE B 89 -5.53 18.23 8.97
C ILE B 89 -5.71 19.12 7.74
N ASN B 90 -4.92 20.19 7.65
CA ASN B 90 -5.04 21.12 6.53
C ASN B 90 -4.19 20.73 5.32
N LEU B 91 -4.72 21.01 4.13
CA LEU B 91 -4.02 20.71 2.90
C LEU B 91 -3.05 21.85 2.64
N LEU B 92 -1.81 21.52 2.34
CA LEU B 92 -0.78 22.52 2.10
C LEU B 92 -0.50 22.79 0.64
N GLY B 93 -1.12 22.02 -0.24
CA GLY B 93 -0.91 22.18 -1.67
C GLY B 93 -0.78 20.83 -2.34
N ALA B 94 -0.56 20.81 -3.64
CA ALA B 94 -0.42 19.54 -4.36
C ALA B 94 0.48 19.65 -5.58
N CYS B 95 0.91 18.48 -6.08
CA CYS B 95 1.79 18.42 -7.24
C CYS B 95 1.53 17.16 -8.06
N GLU B 96 1.23 17.33 -9.34
CA GLU B 96 0.99 16.19 -10.23
C GLU B 96 2.34 15.75 -10.80
N HIS B 97 2.62 14.46 -10.72
CA HIS B 97 3.89 13.93 -11.21
C HIS B 97 3.78 12.48 -11.64
N ARG B 98 3.99 12.25 -12.94
CA ARG B 98 3.93 10.92 -13.54
C ARG B 98 2.63 10.17 -13.32
N GLY B 99 1.49 10.86 -13.48
CA GLY B 99 0.20 10.22 -13.31
C GLY B 99 -0.30 10.09 -11.88
N TYR B 100 0.45 10.63 -10.94
CA TYR B 100 0.07 10.58 -9.54
C TYR B 100 -0.03 11.99 -8.95
N LEU B 101 -1.03 12.22 -8.12
CA LEU B 101 -1.18 13.51 -7.48
C LEU B 101 -0.50 13.39 -6.12
N TYR B 102 0.47 14.26 -5.86
CA TYR B 102 1.17 14.24 -4.59
C TYR B 102 0.58 15.33 -3.70
N LEU B 103 -0.37 14.94 -2.85
CA LEU B 103 -1.04 15.85 -1.95
C LEU B 103 -0.25 16.14 -0.68
N ALA B 104 0.08 17.41 -0.45
CA ALA B 104 0.82 17.79 0.75
C ALA B 104 -0.17 18.12 1.85
N ILE B 105 0.05 17.58 3.04
CA ILE B 105 -0.83 17.83 4.18
C ILE B 105 0.01 18.11 5.42
N GLU B 106 -0.63 18.62 6.47
CA GLU B 106 0.08 18.94 7.71
C GLU B 106 0.71 17.71 8.34
N TYR B 107 1.94 17.90 8.83
CA TYR B 107 2.66 16.83 9.50
C TYR B 107 2.37 16.93 11.01
N ALA B 108 2.06 15.80 11.63
CA ALA B 108 1.78 15.76 13.07
C ALA B 108 3.00 15.15 13.77
N PRO B 109 3.78 15.98 14.48
CA PRO B 109 4.99 15.59 15.21
C PRO B 109 4.80 14.54 16.31
N HIS B 110 3.60 14.49 16.88
CA HIS B 110 3.34 13.57 17.97
C HIS B 110 2.48 12.34 17.63
N GLY B 111 2.36 12.03 16.35
CA GLY B 111 1.58 10.87 15.95
C GLY B 111 0.09 10.95 16.26
N ASN B 112 -0.58 9.79 16.21
CA ASN B 112 -2.02 9.77 16.46
C ASN B 112 -2.31 9.78 17.96
N LEU B 113 -3.51 10.26 18.30
CA LEU B 113 -3.95 10.40 19.67
C LEU B 113 -4.00 9.13 20.52
N LEU B 114 -4.38 8.00 19.91
CA LEU B 114 -4.47 6.75 20.66
C LEU B 114 -3.11 6.35 21.23
N ASP B 115 -2.10 6.34 20.37
CA ASP B 115 -0.76 5.97 20.82
C ASP B 115 -0.23 7.01 21.80
N PHE B 116 -0.58 8.28 21.58
CA PHE B 116 -0.14 9.34 22.47
C PHE B 116 -0.72 9.12 23.88
N LEU B 117 -2.01 8.82 23.94
CA LEU B 117 -2.70 8.55 25.21
C LEU B 117 -2.07 7.37 25.92
N ARG B 118 -1.83 6.30 25.17
CA ARG B 118 -1.27 5.08 25.73
C ARG B 118 0.16 5.26 26.22
N LYS B 119 0.95 6.02 25.47
CA LYS B 119 2.33 6.29 25.86
C LYS B 119 2.41 7.20 27.08
N SER B 120 1.30 7.79 27.48
CA SER B 120 1.30 8.69 28.64
C SER B 120 1.12 7.92 29.97
N ARG B 121 0.75 6.65 29.87
CA ARG B 121 0.54 5.79 31.04
C ARG B 121 1.89 5.53 31.71
N VAL B 122 2.40 6.56 32.38
CA VAL B 122 3.71 6.52 33.04
C VAL B 122 3.86 5.44 34.11
N LEU B 123 2.76 4.99 34.68
CA LEU B 123 2.81 3.95 35.70
C LEU B 123 3.37 2.67 35.07
N GLU B 124 3.32 2.58 33.74
CA GLU B 124 3.84 1.43 33.02
C GLU B 124 5.14 1.72 32.29
N THR B 125 5.28 2.92 31.76
CA THR B 125 6.47 3.29 31.01
C THR B 125 7.63 3.78 31.90
N ASP B 126 7.30 4.27 33.09
CA ASP B 126 8.32 4.79 34.00
C ASP B 126 7.73 4.94 35.39
N PRO B 127 7.41 3.81 36.06
CA PRO B 127 6.83 3.78 37.40
C PRO B 127 7.55 4.63 38.44
N ALA B 128 8.86 4.76 38.30
CA ALA B 128 9.63 5.58 39.23
C ALA B 128 9.06 7.00 39.18
N PHE B 129 8.97 7.54 37.97
CA PHE B 129 8.43 8.89 37.76
C PHE B 129 7.01 8.96 38.31
N ALA B 130 6.20 7.97 37.93
CA ALA B 130 4.81 7.91 38.35
C ALA B 130 4.67 7.99 39.87
N ILE B 131 5.44 7.15 40.59
CA ILE B 131 5.38 7.14 42.04
C ILE B 131 5.89 8.45 42.63
N ALA B 132 6.99 8.94 42.07
CA ALA B 132 7.60 10.18 42.51
C ALA B 132 6.67 11.36 42.32
N ASN B 133 5.87 11.32 41.26
CA ASN B 133 4.97 12.42 40.98
C ASN B 133 3.51 12.11 41.29
N SER B 134 3.28 10.97 41.94
CA SER B 134 1.93 10.55 42.33
C SER B 134 0.95 10.67 41.16
N THR B 135 1.41 10.32 39.96
CA THR B 135 0.54 10.44 38.80
C THR B 135 0.48 9.17 37.95
N ALA B 136 -0.65 9.01 37.26
CA ALA B 136 -0.84 7.86 36.39
C ALA B 136 -0.65 8.24 34.93
N SER B 137 -0.40 9.52 34.69
CA SER B 137 -0.21 10.00 33.32
C SER B 137 0.65 11.26 33.25
N THR B 138 1.32 11.43 32.11
CA THR B 138 2.13 12.63 31.90
C THR B 138 1.17 13.76 31.52
N LEU B 139 -0.07 13.38 31.24
CA LEU B 139 -1.10 14.35 30.84
C LEU B 139 -2.05 14.70 31.99
N SER B 140 -2.38 15.97 32.11
CA SER B 140 -3.28 16.45 33.16
C SER B 140 -4.73 16.37 32.70
N SER B 141 -5.65 16.52 33.65
CA SER B 141 -7.07 16.51 33.35
C SER B 141 -7.36 17.61 32.34
N GLN B 142 -6.79 18.78 32.57
CA GLN B 142 -6.97 19.92 31.66
C GLN B 142 -6.55 19.59 30.24
N GLN B 143 -5.35 19.03 30.10
CA GLN B 143 -4.85 18.66 28.77
C GLN B 143 -5.76 17.67 28.05
N LEU B 144 -6.29 16.71 28.78
CA LEU B 144 -7.17 15.70 28.19
C LEU B 144 -8.49 16.32 27.72
N LEU B 145 -9.06 17.22 28.51
CA LEU B 145 -10.31 17.85 28.11
C LEU B 145 -10.08 18.77 26.91
N HIS B 146 -8.89 19.36 26.81
CA HIS B 146 -8.57 20.24 25.69
C HIS B 146 -8.51 19.44 24.39
N PHE B 147 -8.03 18.20 24.47
CA PHE B 147 -7.98 17.31 23.30
C PHE B 147 -9.43 17.08 22.88
N ALA B 148 -10.30 16.80 23.86
CA ALA B 148 -11.71 16.55 23.57
C ALA B 148 -12.36 17.77 22.93
N ALA B 149 -12.10 18.94 23.49
CA ALA B 149 -12.64 20.21 22.98
C ALA B 149 -12.12 20.47 21.57
N ASP B 150 -10.82 20.23 21.36
CA ASP B 150 -10.21 20.40 20.03
C ASP B 150 -10.98 19.59 18.97
N VAL B 151 -11.25 18.31 19.26
CA VAL B 151 -11.97 17.48 18.30
C VAL B 151 -13.39 17.96 18.10
N ALA B 152 -14.05 18.37 19.19
CA ALA B 152 -15.42 18.87 19.09
C ALA B 152 -15.48 20.14 18.26
N ARG B 153 -14.54 21.06 18.51
CA ARG B 153 -14.47 22.31 17.77
C ARG B 153 -14.27 21.99 16.30
N GLY B 154 -13.35 21.07 16.03
CA GLY B 154 -13.06 20.68 14.66
C GLY B 154 -14.23 19.99 13.98
N MET B 155 -14.98 19.19 14.73
CA MET B 155 -16.13 18.51 14.13
C MET B 155 -17.30 19.44 13.93
N ASP B 156 -17.38 20.49 14.74
CA ASP B 156 -18.45 21.47 14.60
C ASP B 156 -18.19 22.15 13.24
N TYR B 157 -16.93 22.50 13.01
CA TYR B 157 -16.53 23.14 11.76
C TYR B 157 -16.85 22.26 10.53
N LEU B 158 -16.48 20.98 10.59
CA LEU B 158 -16.72 20.06 9.47
C LEU B 158 -18.21 19.73 9.31
N SER B 159 -18.86 19.51 10.45
CA SER B 159 -20.26 19.18 10.49
C SER B 159 -21.09 20.27 9.81
N GLN B 160 -20.81 21.52 10.17
CA GLN B 160 -21.52 22.66 9.61
C GLN B 160 -21.31 22.82 8.11
N LYS B 161 -20.39 22.05 7.55
CA LYS B 161 -20.13 22.13 6.12
C LYS B 161 -20.59 20.85 5.43
N GLN B 162 -21.47 20.12 6.10
CA GLN B 162 -22.04 18.88 5.58
C GLN B 162 -21.14 17.65 5.57
N PHE B 163 -19.95 17.74 6.19
CA PHE B 163 -19.07 16.58 6.22
C PHE B 163 -19.57 15.53 7.22
N ILE B 164 -19.43 14.27 6.84
CA ILE B 164 -19.79 13.13 7.67
C ILE B 164 -18.49 12.32 7.72
N HIS B 165 -17.89 12.22 8.90
CA HIS B 165 -16.63 11.51 9.09
C HIS B 165 -16.70 10.00 8.86
N ARG B 166 -17.65 9.35 9.55
CA ARG B 166 -17.87 7.90 9.46
C ARG B 166 -16.92 7.04 10.30
N ASP B 167 -15.78 7.58 10.71
CA ASP B 167 -14.84 6.79 11.49
C ASP B 167 -14.10 7.61 12.55
N LEU B 168 -14.87 8.32 13.35
CA LEU B 168 -14.33 9.16 14.42
C LEU B 168 -13.84 8.31 15.58
N ALA B 169 -12.53 8.36 15.84
CA ALA B 169 -11.92 7.59 16.91
C ALA B 169 -10.52 8.16 17.13
N ALA B 170 -9.95 7.87 18.28
CA ALA B 170 -8.62 8.38 18.63
C ALA B 170 -7.53 8.04 17.61
N ARG B 171 -7.64 6.90 16.94
CA ARG B 171 -6.66 6.52 15.94
C ARG B 171 -6.70 7.49 14.76
N ASN B 172 -7.85 8.14 14.56
CA ASN B 172 -8.00 9.09 13.46
C ASN B 172 -7.84 10.55 13.84
N ILE B 173 -7.25 10.79 15.00
CA ILE B 173 -6.99 12.15 15.47
C ILE B 173 -5.48 12.25 15.58
N LEU B 174 -4.90 13.32 15.06
CA LEU B 174 -3.46 13.51 15.14
C LEU B 174 -3.13 14.58 16.17
N VAL B 175 -2.02 14.39 16.88
CA VAL B 175 -1.56 15.35 17.89
C VAL B 175 -0.53 16.21 17.16
N GLY B 176 -0.97 17.36 16.69
CA GLY B 176 -0.09 18.23 15.95
C GLY B 176 0.85 19.12 16.75
N GLU B 177 1.39 20.11 16.04
CA GLU B 177 2.32 21.07 16.62
C GLU B 177 1.67 21.75 17.83
N ASN B 178 2.45 21.92 18.89
CA ASN B 178 1.96 22.55 20.11
C ASN B 178 0.88 21.70 20.78
N TYR B 179 0.85 20.42 20.40
CA TYR B 179 -0.11 19.47 20.94
C TYR B 179 -1.57 19.79 20.62
N VAL B 180 -1.79 20.39 19.45
CA VAL B 180 -3.14 20.71 18.98
C VAL B 180 -3.73 19.47 18.28
N ALA B 181 -4.87 18.98 18.75
CA ALA B 181 -5.50 17.82 18.14
C ALA B 181 -6.11 18.18 16.78
N LYS B 182 -5.77 17.40 15.76
CA LYS B 182 -6.25 17.60 14.40
C LYS B 182 -6.97 16.38 13.86
N ILE B 183 -8.17 16.58 13.32
CA ILE B 183 -8.96 15.48 12.77
C ILE B 183 -8.41 15.02 11.40
N ALA B 184 -8.15 13.72 11.26
CA ALA B 184 -7.68 13.15 9.99
C ALA B 184 -8.90 13.23 9.08
N ASP B 185 -8.73 13.87 7.92
CA ASP B 185 -9.85 14.10 7.03
C ASP B 185 -9.76 13.63 5.58
N PHE B 186 -9.25 12.42 5.38
CA PHE B 186 -9.14 11.86 4.05
C PHE B 186 -10.28 10.87 3.79
N GLY B 187 -10.88 10.94 2.61
CA GLY B 187 -11.97 10.03 2.28
C GLY B 187 -13.27 10.24 3.04
N LEU B 188 -13.54 11.46 3.47
CA LEU B 188 -14.77 11.72 4.21
C LEU B 188 -15.95 11.86 3.25
N SER B 189 -17.16 11.72 3.78
CA SER B 189 -18.36 11.86 2.97
C SER B 189 -18.93 13.25 3.17
N ARG B 190 -19.78 13.66 2.24
CA ARG B 190 -20.37 14.97 2.30
C ARG B 190 -21.83 14.92 1.87
N GLY B 191 -22.71 15.41 2.74
CA GLY B 191 -24.13 15.40 2.42
C GLY B 191 -25.04 15.17 3.62
N GLN B 192 -26.28 14.81 3.33
CA GLN B 192 -27.30 14.55 4.34
C GLN B 192 -27.07 13.26 5.12
N GLU B 193 -26.91 12.17 4.38
CA GLU B 193 -26.70 10.85 4.97
C GLU B 193 -26.01 9.98 3.94
N VAL B 194 -25.14 9.08 4.40
CA VAL B 194 -24.43 8.22 3.48
C VAL B 194 -24.55 6.75 3.89
N TYR B 195 -24.83 5.92 2.90
CA TYR B 195 -24.94 4.49 3.12
C TYR B 195 -23.66 3.84 2.60
N VAL B 196 -23.00 3.07 3.45
CA VAL B 196 -21.76 2.38 3.07
C VAL B 196 -21.86 0.93 3.47
N LYS B 197 -21.92 0.02 2.49
CA LYS B 197 -22.01 -1.40 2.76
C LYS B 197 -20.67 -1.93 3.27
N LYS B 198 -20.72 -2.83 4.25
CA LYS B 198 -19.51 -3.41 4.83
C LYS B 198 -18.60 -3.97 3.73
N ARG B 202 -12.46 -5.41 9.92
CA ARG B 202 -12.53 -4.43 8.78
C ARG B 202 -13.49 -3.29 9.11
N LEU B 203 -14.48 -3.58 9.96
CA LEU B 203 -15.47 -2.59 10.35
C LEU B 203 -15.26 -2.13 11.81
N PRO B 204 -15.20 -0.81 12.05
CA PRO B 204 -14.99 -0.24 13.39
C PRO B 204 -16.26 -0.30 14.25
N VAL B 205 -16.75 -1.52 14.44
CA VAL B 205 -17.95 -1.78 15.22
C VAL B 205 -18.05 -1.08 16.58
N ARG B 206 -16.95 -1.03 17.32
CA ARG B 206 -16.94 -0.43 18.64
C ARG B 206 -17.20 1.08 18.68
N TRP B 207 -17.14 1.75 17.54
CA TRP B 207 -17.38 3.18 17.46
C TRP B 207 -18.67 3.51 16.68
N MET B 208 -19.29 2.48 16.12
CA MET B 208 -20.49 2.66 15.33
C MET B 208 -21.78 2.84 16.10
N ALA B 209 -22.59 3.79 15.65
CA ALA B 209 -23.88 4.07 16.26
C ALA B 209 -24.87 2.96 15.93
N ILE B 210 -25.89 2.81 16.76
CA ILE B 210 -26.90 1.78 16.56
C ILE B 210 -27.46 1.75 15.14
N GLU B 211 -27.80 2.91 14.60
CA GLU B 211 -28.35 2.96 13.25
C GLU B 211 -27.33 2.49 12.19
N SER B 212 -26.05 2.68 12.48
CA SER B 212 -25.00 2.26 11.54
C SER B 212 -24.81 0.74 11.56
N LEU B 213 -24.89 0.15 12.75
CA LEU B 213 -24.75 -1.30 12.89
C LEU B 213 -25.92 -1.98 12.19
N ASN B 214 -27.12 -1.44 12.38
CA ASN B 214 -28.32 -1.99 11.79
C ASN B 214 -28.48 -1.80 10.28
N TYR B 215 -28.36 -0.55 9.83
CA TYR B 215 -28.57 -0.24 8.41
C TYR B 215 -27.39 0.31 7.62
N SER B 216 -26.21 0.35 8.23
CA SER B 216 -25.03 0.85 7.53
C SER B 216 -25.16 2.31 7.09
N VAL B 217 -25.97 3.10 7.79
CA VAL B 217 -26.10 4.51 7.42
C VAL B 217 -25.27 5.39 8.37
N TYR B 218 -24.81 6.53 7.86
CA TYR B 218 -24.00 7.44 8.64
C TYR B 218 -24.47 8.88 8.47
N THR B 219 -24.46 9.63 9.57
CA THR B 219 -24.87 11.04 9.57
C THR B 219 -24.07 11.78 10.64
N THR B 220 -24.28 13.09 10.75
CA THR B 220 -23.59 13.87 11.76
C THR B 220 -23.96 13.33 13.13
N ASN B 221 -25.21 12.85 13.26
CA ASN B 221 -25.65 12.30 14.52
C ASN B 221 -24.88 11.03 14.88
N SER B 222 -24.59 10.18 13.90
CA SER B 222 -23.84 8.97 14.20
C SER B 222 -22.38 9.34 14.50
N ASP B 223 -21.91 10.47 13.94
CA ASP B 223 -20.56 10.92 14.21
C ASP B 223 -20.50 11.32 15.69
N VAL B 224 -21.58 11.90 16.20
CA VAL B 224 -21.63 12.30 17.60
C VAL B 224 -21.55 11.05 18.50
N TRP B 225 -22.20 9.97 18.10
CA TRP B 225 -22.14 8.74 18.88
C TRP B 225 -20.67 8.30 18.93
N SER B 226 -20.00 8.33 17.78
CA SER B 226 -18.60 7.94 17.72
C SER B 226 -17.75 8.89 18.58
N TYR B 227 -18.10 10.18 18.57
CA TYR B 227 -17.36 11.15 19.37
C TYR B 227 -17.44 10.73 20.85
N GLY B 228 -18.59 10.22 21.26
CA GLY B 228 -18.75 9.78 22.64
C GLY B 228 -17.74 8.70 23.00
N VAL B 229 -17.56 7.73 22.11
CA VAL B 229 -16.61 6.65 22.33
C VAL B 229 -15.18 7.21 22.32
N LEU B 230 -14.95 8.21 21.48
CA LEU B 230 -13.65 8.86 21.41
C LEU B 230 -13.33 9.53 22.75
N LEU B 231 -14.33 10.21 23.32
CA LEU B 231 -14.16 10.88 24.61
C LEU B 231 -13.85 9.84 25.69
N TRP B 232 -14.47 8.68 25.58
CA TRP B 232 -14.25 7.58 26.51
C TRP B 232 -12.81 7.09 26.34
N GLU B 233 -12.30 7.08 25.09
CA GLU B 233 -10.92 6.65 24.85
C GLU B 233 -9.96 7.62 25.52
N ILE B 234 -10.26 8.91 25.41
CA ILE B 234 -9.40 9.93 26.01
C ILE B 234 -9.38 9.81 27.53
N VAL B 235 -10.57 9.71 28.12
CA VAL B 235 -10.73 9.60 29.57
C VAL B 235 -10.05 8.34 30.10
N SER B 236 -10.19 7.23 29.39
CA SER B 236 -9.59 5.98 29.82
C SER B 236 -8.13 5.85 29.39
N LEU B 237 -7.54 6.94 28.92
CA LEU B 237 -6.15 6.96 28.49
C LEU B 237 -5.81 5.93 27.41
N GLY B 238 -6.71 5.74 26.44
CA GLY B 238 -6.44 4.80 25.37
C GLY B 238 -6.96 3.38 25.54
N GLY B 239 -7.88 3.17 26.46
CA GLY B 239 -8.41 1.84 26.65
C GLY B 239 -9.24 1.40 25.46
N THR B 240 -9.32 0.10 25.23
CA THR B 240 -10.10 -0.45 24.14
C THR B 240 -11.56 -0.46 24.54
N PRO B 241 -12.46 0.12 23.73
CA PRO B 241 -13.89 0.17 24.01
C PRO B 241 -14.53 -1.23 24.11
N TYR B 242 -15.33 -1.46 25.15
CA TYR B 242 -15.99 -2.75 25.34
C TYR B 242 -14.93 -3.86 25.40
N CYS B 243 -13.80 -3.60 26.06
CA CYS B 243 -12.73 -4.59 26.17
C CYS B 243 -13.28 -5.90 26.71
N GLY B 244 -13.06 -6.98 25.96
CA GLY B 244 -13.55 -8.28 26.39
C GLY B 244 -14.74 -8.77 25.59
N MET B 245 -15.68 -7.86 25.27
CA MET B 245 -16.86 -8.22 24.51
C MET B 245 -16.52 -8.39 23.04
N THR B 246 -17.25 -9.27 22.36
CA THR B 246 -17.02 -9.51 20.94
C THR B 246 -17.91 -8.59 20.13
N CYS B 247 -17.63 -8.51 18.83
CA CYS B 247 -18.42 -7.68 17.94
C CYS B 247 -19.84 -8.24 17.87
N ALA B 248 -19.96 -9.55 17.92
CA ALA B 248 -21.27 -10.19 17.86
C ALA B 248 -22.10 -9.75 19.07
N GLU B 249 -21.46 -9.74 20.24
CA GLU B 249 -22.13 -9.32 21.47
C GLU B 249 -22.59 -7.88 21.39
N LEU B 250 -21.83 -7.06 20.67
CA LEU B 250 -22.16 -5.65 20.54
C LEU B 250 -23.42 -5.45 19.70
N TYR B 251 -23.52 -6.14 18.57
CA TYR B 251 -24.68 -6.02 17.70
C TYR B 251 -25.96 -6.40 18.45
N GLU B 252 -25.81 -7.29 19.42
CA GLU B 252 -26.94 -7.77 20.21
C GLU B 252 -27.28 -6.88 21.40
N LYS B 253 -26.30 -6.65 22.26
CA LYS B 253 -26.47 -5.86 23.47
C LYS B 253 -26.81 -4.39 23.25
N LEU B 254 -26.07 -3.72 22.36
CA LEU B 254 -26.30 -2.30 22.11
C LEU B 254 -27.75 -1.92 21.83
N PRO B 255 -28.39 -2.57 20.84
CA PRO B 255 -29.79 -2.23 20.57
C PRO B 255 -30.68 -2.45 21.79
N GLN B 256 -30.22 -3.24 22.74
CA GLN B 256 -30.98 -3.52 23.94
C GLN B 256 -30.86 -2.44 25.02
N GLY B 257 -29.98 -1.47 24.81
CA GLY B 257 -29.82 -0.41 25.79
C GLY B 257 -28.47 -0.43 26.48
N TYR B 258 -27.63 -1.40 26.15
CA TYR B 258 -26.31 -1.49 26.76
C TYR B 258 -25.36 -0.38 26.28
N ARG B 259 -24.60 0.18 27.20
CA ARG B 259 -23.63 1.23 26.89
C ARG B 259 -22.35 1.05 27.69
N LEU B 260 -21.27 1.63 27.21
CA LEU B 260 -19.98 1.57 27.90
C LEU B 260 -20.17 2.09 29.33
N GLU B 261 -19.38 1.57 30.25
CA GLU B 261 -19.46 2.00 31.64
C GLU B 261 -18.52 3.15 31.91
N LYS B 262 -18.85 3.92 32.95
CA LYS B 262 -18.03 5.06 33.33
C LYS B 262 -16.65 4.64 33.80
N PRO B 263 -15.60 5.20 33.19
CA PRO B 263 -14.23 4.85 33.61
C PRO B 263 -14.09 5.18 35.10
N LEU B 264 -13.22 4.47 35.80
CA LEU B 264 -13.06 4.70 37.24
C LEU B 264 -12.49 6.07 37.63
N ASN B 265 -11.88 6.77 36.69
CA ASN B 265 -11.29 8.07 36.98
C ASN B 265 -12.12 9.19 36.35
N CYS B 266 -13.33 8.86 35.93
CA CYS B 266 -14.20 9.83 35.27
C CYS B 266 -15.28 10.48 36.12
N ASP B 267 -15.32 11.81 36.10
CA ASP B 267 -16.33 12.55 36.84
C ASP B 267 -17.69 12.27 36.21
N ASP B 268 -18.75 12.28 37.01
CA ASP B 268 -20.09 12.03 36.50
C ASP B 268 -20.51 12.95 35.37
N GLU B 269 -20.07 14.20 35.40
CA GLU B 269 -20.47 15.13 34.34
C GLU B 269 -19.89 14.76 32.97
N VAL B 270 -18.65 14.27 32.94
CA VAL B 270 -18.03 13.87 31.69
C VAL B 270 -18.73 12.62 31.17
N TYR B 271 -19.12 11.74 32.08
CA TYR B 271 -19.80 10.51 31.70
C TYR B 271 -21.20 10.79 31.16
N ASP B 272 -21.91 11.73 31.76
CA ASP B 272 -23.25 12.07 31.30
C ASP B 272 -23.17 12.68 29.90
N LEU B 273 -22.05 13.33 29.60
CA LEU B 273 -21.86 13.92 28.28
C LEU B 273 -21.75 12.74 27.32
N MET B 274 -20.95 11.74 27.70
CA MET B 274 -20.79 10.53 26.89
C MET B 274 -22.15 9.88 26.63
N ARG B 275 -22.94 9.74 27.69
CA ARG B 275 -24.27 9.14 27.61
C ARG B 275 -25.21 9.90 26.67
N GLN B 276 -25.07 11.23 26.62
CA GLN B 276 -25.90 12.04 25.74
C GLN B 276 -25.61 11.66 24.29
N CYS B 277 -24.33 11.43 23.98
CA CYS B 277 -23.91 11.07 22.63
C CYS B 277 -24.42 9.70 22.17
N TRP B 278 -24.76 8.82 23.12
CA TRP B 278 -25.23 7.49 22.77
C TRP B 278 -26.73 7.24 22.92
N ARG B 279 -27.51 8.32 22.89
CA ARG B 279 -28.96 8.18 23.01
C ARG B 279 -29.45 7.43 21.78
N GLU B 280 -30.38 6.50 21.99
CA GLU B 280 -30.91 5.70 20.90
C GLU B 280 -31.41 6.52 19.72
N LYS B 281 -32.24 7.52 19.98
CA LYS B 281 -32.75 8.38 18.90
C LYS B 281 -31.66 9.37 18.50
N PRO B 282 -31.21 9.30 17.24
CA PRO B 282 -30.16 10.18 16.70
C PRO B 282 -30.36 11.67 16.95
N TYR B 283 -31.61 12.13 16.84
CA TYR B 283 -31.92 13.54 17.02
C TYR B 283 -31.98 13.99 18.49
N GLU B 284 -31.79 13.05 19.42
CA GLU B 284 -31.79 13.35 20.84
C GLU B 284 -30.37 13.71 21.26
N ARG B 285 -29.39 13.26 20.47
CA ARG B 285 -27.99 13.52 20.77
C ARG B 285 -27.64 15.00 20.60
N PRO B 286 -26.68 15.49 21.38
CA PRO B 286 -26.30 16.90 21.26
C PRO B 286 -25.55 17.13 19.95
N SER B 287 -25.38 18.40 19.61
CA SER B 287 -24.65 18.77 18.41
C SER B 287 -23.22 19.01 18.86
N PHE B 288 -22.28 19.06 17.92
CA PHE B 288 -20.90 19.30 18.29
C PHE B 288 -20.73 20.65 18.95
N ALA B 289 -21.55 21.62 18.57
CA ALA B 289 -21.48 22.95 19.17
C ALA B 289 -21.88 22.86 20.64
N GLN B 290 -22.89 22.05 20.95
CA GLN B 290 -23.33 21.93 22.34
C GLN B 290 -22.29 21.19 23.16
N ILE B 291 -21.68 20.16 22.55
CA ILE B 291 -20.65 19.37 23.21
C ILE B 291 -19.47 20.28 23.57
N LEU B 292 -19.11 21.18 22.66
CA LEU B 292 -18.02 22.10 22.88
C LEU B 292 -18.33 23.08 24.02
N VAL B 293 -19.58 23.50 24.11
CA VAL B 293 -19.97 24.42 25.18
C VAL B 293 -19.82 23.72 26.52
N SER B 294 -20.21 22.44 26.57
CA SER B 294 -20.11 21.69 27.81
C SER B 294 -18.65 21.50 28.21
N LEU B 295 -17.80 21.13 27.25
CA LEU B 295 -16.39 20.94 27.53
C LEU B 295 -15.76 22.24 28.04
N ASN B 296 -16.07 23.33 27.37
CA ASN B 296 -15.54 24.63 27.77
C ASN B 296 -15.97 25.03 29.18
N ARG B 297 -17.19 24.65 29.56
CA ARG B 297 -17.65 24.98 30.91
C ARG B 297 -16.81 24.26 31.97
N MET B 298 -16.56 22.97 31.74
CA MET B 298 -15.77 22.19 32.68
C MET B 298 -14.34 22.72 32.71
N LEU B 299 -13.80 23.03 31.53
CA LEU B 299 -12.44 23.54 31.43
C LEU B 299 -12.26 24.83 32.23
N GLU B 300 -13.22 25.74 32.12
CA GLU B 300 -13.17 27.03 32.80
C GLU B 300 -13.03 26.93 34.32
N GLU B 301 -13.53 25.85 34.90
CA GLU B 301 -13.47 25.66 36.34
C GLU B 301 -12.16 24.98 36.76
N ARG B 302 -11.72 25.24 37.98
CA ARG B 302 -10.48 24.62 38.47
C ARG B 302 -10.72 23.12 38.41
N LYS B 303 -11.68 22.68 39.22
CA LYS B 303 -12.11 21.27 39.33
C LYS B 303 -11.47 20.26 38.38
N THR B 304 -11.15 19.09 38.92
CA THR B 304 -10.55 18.01 38.15
C THR B 304 -11.69 17.12 37.64
N TYR B 305 -11.78 16.94 36.33
CA TYR B 305 -12.84 16.10 35.77
C TYR B 305 -12.37 14.73 35.32
N VAL B 306 -11.13 14.65 34.85
CA VAL B 306 -10.54 13.40 34.42
C VAL B 306 -9.33 13.16 35.31
N ASN B 307 -9.52 12.41 36.38
CA ASN B 307 -8.43 12.15 37.32
C ASN B 307 -7.26 11.32 36.79
N THR B 308 -6.07 11.76 37.16
CA THR B 308 -4.84 11.07 36.79
C THR B 308 -3.92 11.00 38.01
N THR B 309 -4.47 11.30 39.18
CA THR B 309 -3.73 11.28 40.43
C THR B 309 -3.92 9.92 41.12
N LEU B 310 -2.82 9.30 41.50
CA LEU B 310 -2.86 7.97 42.13
C LEU B 310 -3.72 7.81 43.39
N TYR B 311 -3.48 8.65 44.39
CA TYR B 311 -4.19 8.57 45.65
C TYR B 311 -3.99 7.17 46.25
N GLU B 312 -5.08 6.50 46.59
CA GLU B 312 -4.99 5.16 47.18
C GLU B 312 -5.08 4.05 46.16
N LYS B 313 -5.60 4.34 44.98
CA LYS B 313 -5.75 3.32 43.96
C LYS B 313 -6.08 3.88 42.58
N PHE B 314 -5.46 3.31 41.55
CA PHE B 314 -5.71 3.72 40.18
C PHE B 314 -5.69 2.49 39.27
N THR B 315 -6.63 2.44 38.33
CA THR B 315 -6.73 1.31 37.43
C THR B 315 -6.70 1.70 35.96
N TYR B 316 -5.79 1.10 35.21
CA TYR B 316 -5.69 1.37 33.78
C TYR B 316 -6.71 0.53 33.03
N ALA B 317 -7.43 1.15 32.12
CA ALA B 317 -8.42 0.44 31.32
C ALA B 317 -7.67 -0.56 30.45
N GLY B 318 -8.27 -1.71 30.21
CA GLY B 318 -7.63 -2.73 29.40
C GLY B 318 -7.48 -2.41 27.92
N ILE B 319 -6.45 -2.97 27.33
CA ILE B 319 -6.17 -2.79 25.91
C ILE B 319 -6.17 -4.17 25.26
N ASP B 320 -7.16 -4.42 24.40
CA ASP B 320 -7.26 -5.71 23.73
C ASP B 320 -6.74 -5.65 22.30
N CYS B 321 -5.57 -6.24 22.08
CA CYS B 321 -4.98 -6.25 20.75
C CYS B 321 -5.65 -7.29 19.86
N SER B 322 -6.33 -8.25 20.46
CA SER B 322 -7.03 -9.28 19.70
C SER B 322 -8.02 -8.56 18.79
N ALA B 323 -8.85 -7.72 19.43
CA ALA B 323 -9.84 -6.93 18.73
C ALA B 323 -9.19 -5.61 18.37
N GLU B 324 -8.04 -5.68 17.70
CA GLU B 324 -7.30 -4.49 17.31
C GLU B 324 -6.08 -4.86 16.49
#